data_2R8F
#
_entry.id   2R8F
#
_cell.length_a   108.644
_cell.length_b   108.644
_cell.length_c   155.664
_cell.angle_alpha   90.00
_cell.angle_beta   90.00
_cell.angle_gamma   90.00
#
_symmetry.space_group_name_H-M   'I 4 2 2'
#
loop_
_entity.id
_entity.type
_entity.pdbx_description
1 polymer 'Non-structural RNA-binding protein 35'
2 non-polymer 'PHOSPHATE ION'
3 non-polymer 'PHOSPHOTHIOPHOSPHORIC ACID-ADENYLATE ESTER'
4 water water
#
_entity_poly.entity_id   1
_entity_poly.type   'polypeptide(L)'
_entity_poly.pdbx_seq_one_letter_code
;MAELACFCYPHLENDSYKFIPFNNLAIKAMLTAKVDKKDMDKFYDSIIYGIAPPPQFKKRYNTNDNSRGMNFETIMFTKV
AMLICEALNSLKVTQANVSNVLSRVVSIRHLENLVIRKENPQDILFHSKDLLLKSTLIAIGQSKEIETTITAEGGEIVFQ
NAAFTMWKLTYLEHQLMPILDQNFIEYKVTLNEDKPISDVHVKELVAELRWQYNKFAVITHGKGAYRIVKYSSVANHADR
VYATFKSNVKTGVNNDFNLLDQRIIWQNWYAFTSSMKQGNTLDVCKRLLFQKMKPEKNPFKGLSTDRKMDEVSQVGV
;
_entity_poly.pdbx_strand_id   A
#
# COMPACT_ATOMS: atom_id res chain seq x y z
N ALA A 2 2.25 9.74 3.13
CA ALA A 2 1.92 11.10 3.66
C ALA A 2 0.54 11.14 4.32
N GLU A 3 0.29 12.20 5.09
CA GLU A 3 -0.98 12.38 5.78
C GLU A 3 -2.05 12.73 4.75
N LEU A 4 -3.30 12.37 5.02
CA LEU A 4 -4.35 12.73 4.09
C LEU A 4 -4.46 14.25 4.05
N ALA A 5 -3.92 14.91 5.06
CA ALA A 5 -3.97 16.37 5.14
C ALA A 5 -3.03 17.03 4.14
N CYS A 6 -2.37 16.21 3.34
CA CYS A 6 -1.47 16.74 2.33
C CYS A 6 -2.21 16.90 1.01
N PHE A 7 -3.42 16.34 0.93
CA PHE A 7 -4.20 16.42 -0.30
C PHE A 7 -5.45 17.28 -0.23
N CYS A 8 -6.00 17.44 0.97
CA CYS A 8 -7.22 18.23 1.10
C CYS A 8 -7.36 18.88 2.46
N TYR A 9 -8.38 19.72 2.57
CA TYR A 9 -8.70 20.44 3.82
C TYR A 9 -10.21 20.36 4.07
N PRO A 10 -10.61 20.42 5.35
CA PRO A 10 -12.00 20.36 5.81
C PRO A 10 -12.78 21.64 5.54
N HIS A 11 -14.09 21.52 5.54
CA HIS A 11 -14.94 22.67 5.31
C HIS A 11 -16.38 22.43 5.76
N LEU A 12 -16.80 23.14 6.79
CA LEU A 12 -18.16 23.01 7.30
C LEU A 12 -19.15 23.41 6.22
N GLU A 13 -20.14 22.55 6.00
CA GLU A 13 -21.15 22.80 4.99
C GLU A 13 -22.41 22.03 5.39
N ASN A 14 -23.20 22.63 6.28
CA ASN A 14 -24.43 22.03 6.78
C ASN A 14 -24.17 20.92 7.78
N ASP A 15 -23.48 21.26 8.86
CA ASP A 15 -23.17 20.32 9.93
C ASP A 15 -22.18 19.22 9.57
N SER A 16 -22.08 18.89 8.28
CA SER A 16 -21.16 17.86 7.82
C SER A 16 -19.85 18.50 7.31
N TYR A 17 -18.80 17.69 7.22
CA TYR A 17 -17.52 18.18 6.73
C TYR A 17 -17.20 17.63 5.34
N LYS A 18 -17.10 18.53 4.36
CA LYS A 18 -16.77 18.14 3.00
C LYS A 18 -15.31 18.50 2.73
N PHE A 19 -14.58 17.57 2.15
CA PHE A 19 -13.16 17.80 1.86
C PHE A 19 -12.86 18.33 0.46
N ILE A 20 -12.03 19.38 0.42
CA ILE A 20 -11.65 20.04 -0.83
C ILE A 20 -10.16 19.86 -1.14
N PRO A 21 -9.83 19.57 -2.41
CA PRO A 21 -8.45 19.36 -2.89
C PRO A 21 -7.65 20.66 -2.94
N PHE A 22 -6.34 20.55 -2.74
CA PHE A 22 -5.45 21.73 -2.77
C PHE A 22 -5.02 22.02 -4.18
N ASN A 23 -4.84 23.29 -4.51
CA ASN A 23 -4.34 23.67 -5.83
C ASN A 23 -2.82 23.57 -5.70
N ASN A 24 -2.13 23.04 -6.69
CA ASN A 24 -0.69 22.94 -6.54
C ASN A 24 -0.02 24.30 -6.35
N LEU A 25 -0.55 25.34 -6.96
CA LEU A 25 0.07 26.66 -6.80
C LEU A 25 -0.05 27.21 -5.38
N ALA A 26 -1.08 26.79 -4.63
CA ALA A 26 -1.25 27.25 -3.26
C ALA A 26 -0.24 26.55 -2.39
N ILE A 27 0.13 25.35 -2.79
CA ILE A 27 1.12 24.59 -2.04
C ILE A 27 2.46 25.28 -2.26
N LYS A 28 2.72 25.68 -3.50
CA LYS A 28 3.95 26.35 -3.87
C LYS A 28 4.11 27.65 -3.10
N ALA A 29 3.03 28.41 -2.95
CA ALA A 29 3.08 29.66 -2.20
C ALA A 29 3.48 29.32 -0.76
N MET A 30 2.79 28.34 -0.19
CA MET A 30 3.04 27.91 1.17
C MET A 30 4.52 27.55 1.38
N LEU A 31 5.12 26.85 0.43
CA LEU A 31 6.52 26.46 0.55
C LEU A 31 7.48 27.65 0.56
N THR A 32 6.97 28.84 0.25
CA THR A 32 7.77 30.05 0.20
C THR A 32 7.33 31.00 1.31
N ALA A 33 6.28 30.58 2.02
CA ALA A 33 5.72 31.38 3.11
C ALA A 33 6.52 31.31 4.42
N LYS A 34 6.53 32.45 5.13
CA LYS A 34 7.21 32.59 6.42
C LYS A 34 6.12 32.46 7.46
N VAL A 35 5.99 31.28 8.05
CA VAL A 35 4.97 31.06 9.05
C VAL A 35 5.52 31.06 10.46
N ASP A 36 4.63 31.33 11.41
CA ASP A 36 5.00 31.38 12.82
C ASP A 36 4.93 29.97 13.39
N LYS A 37 5.84 29.65 14.31
CA LYS A 37 5.86 28.32 14.91
C LYS A 37 4.53 27.94 15.54
N LYS A 38 3.71 28.93 15.83
CA LYS A 38 2.41 28.69 16.43
C LYS A 38 1.31 28.43 15.40
N ASP A 39 1.68 28.41 14.12
CA ASP A 39 0.70 28.18 13.07
C ASP A 39 1.05 27.05 12.13
N MET A 40 2.18 26.39 12.40
CA MET A 40 2.65 25.31 11.56
C MET A 40 1.64 24.18 11.37
N ASP A 41 0.71 24.04 12.32
CA ASP A 41 -0.30 23.00 12.25
C ASP A 41 -1.61 23.51 11.69
N LYS A 42 -1.66 24.79 11.34
CA LYS A 42 -2.87 25.40 10.80
C LYS A 42 -2.82 25.51 9.28
N PHE A 43 -3.93 25.26 8.62
CA PHE A 43 -3.95 25.38 7.18
C PHE A 43 -3.45 26.77 6.78
N TYR A 44 -2.92 26.87 5.57
CA TYR A 44 -2.36 28.13 5.09
C TYR A 44 -3.18 28.78 4.00
N ASP A 45 -3.36 30.09 4.09
CA ASP A 45 -4.11 30.81 3.08
C ASP A 45 -3.10 31.49 2.14
N SER A 46 -3.15 31.09 0.86
CA SER A 46 -2.26 31.62 -0.16
C SER A 46 -2.78 32.96 -0.68
N ILE A 47 -4.03 33.27 -0.35
CA ILE A 47 -4.67 34.51 -0.78
C ILE A 47 -5.02 34.45 -2.27
N ILE A 48 -4.11 33.91 -3.08
CA ILE A 48 -4.29 33.84 -4.52
C ILE A 48 -4.80 32.51 -5.10
N TYR A 49 -4.36 31.39 -4.52
CA TYR A 49 -4.75 30.07 -5.02
C TYR A 49 -5.51 29.19 -4.06
N GLY A 50 -6.11 29.79 -3.04
CA GLY A 50 -6.87 29.02 -2.08
C GLY A 50 -6.12 28.58 -0.86
N ILE A 51 -6.65 27.57 -0.17
CA ILE A 51 -6.04 27.06 1.04
C ILE A 51 -4.99 26.02 0.72
N ALA A 52 -3.93 26.01 1.51
CA ALA A 52 -2.84 25.07 1.33
C ALA A 52 -2.68 24.25 2.60
N PRO A 53 -1.91 23.15 2.52
CA PRO A 53 -1.70 22.29 3.70
C PRO A 53 -0.91 22.96 4.83
N PRO A 54 -1.00 22.42 6.05
CA PRO A 54 -0.27 23.00 7.18
C PRO A 54 1.23 22.98 6.83
N PRO A 55 1.91 24.13 6.97
CA PRO A 55 3.33 24.21 6.65
C PRO A 55 4.25 23.21 7.35
N GLN A 56 3.72 22.46 8.31
CA GLN A 56 4.54 21.48 9.02
C GLN A 56 4.76 20.24 8.16
N PHE A 57 4.10 20.20 7.01
CA PHE A 57 4.23 19.07 6.10
C PHE A 57 5.13 19.37 4.90
N LYS A 58 5.80 20.51 4.95
CA LYS A 58 6.70 20.94 3.88
C LYS A 58 7.54 19.79 3.32
N LYS A 59 7.98 18.89 4.20
CA LYS A 59 8.81 17.77 3.77
C LYS A 59 8.13 16.73 2.87
N ARG A 60 6.81 16.83 2.71
CA ARG A 60 6.08 15.87 1.88
C ARG A 60 6.10 16.23 0.40
N TYR A 61 6.48 17.46 0.10
CA TYR A 61 6.50 17.91 -1.27
C TYR A 61 7.91 18.11 -1.84
N ASN A 62 8.15 17.54 -3.02
CA ASN A 62 9.45 17.66 -3.66
C ASN A 62 9.66 19.08 -4.14
N THR A 63 10.87 19.57 -3.93
CA THR A 63 11.28 20.91 -4.34
C THR A 63 12.68 20.74 -4.90
N ASN A 64 13.43 21.84 -4.97
CA ASN A 64 14.80 21.77 -5.48
C ASN A 64 15.75 21.05 -4.53
N ASP A 65 15.37 20.95 -3.26
CA ASP A 65 16.22 20.29 -2.28
C ASP A 65 15.53 19.13 -1.58
N ASN A 66 14.44 18.65 -2.18
CA ASN A 66 13.70 17.52 -1.62
C ASN A 66 13.23 16.62 -2.75
N SER A 67 13.68 15.37 -2.73
CA SER A 67 13.30 14.39 -3.73
C SER A 67 12.74 13.20 -2.96
N ARG A 68 12.50 13.43 -1.67
CA ARG A 68 11.99 12.41 -0.77
C ARG A 68 10.48 12.57 -0.57
N GLY A 69 9.89 13.51 -1.29
CA GLY A 69 8.45 13.75 -1.19
C GLY A 69 7.64 13.34 -2.40
N MET A 70 6.62 14.14 -2.75
CA MET A 70 5.77 13.84 -3.90
C MET A 70 5.76 14.96 -4.95
N ASN A 71 5.47 14.60 -6.19
CA ASN A 71 5.43 15.56 -7.27
C ASN A 71 4.04 16.19 -7.40
N PHE A 72 3.74 17.08 -6.44
CA PHE A 72 2.46 17.75 -6.37
C PHE A 72 2.02 18.59 -7.55
N GLU A 73 2.92 18.86 -8.48
CA GLU A 73 2.54 19.67 -9.62
C GLU A 73 1.99 18.85 -10.79
N THR A 74 2.03 17.53 -10.67
CA THR A 74 1.52 16.65 -11.73
C THR A 74 -0.02 16.54 -11.62
N ILE A 75 -0.66 16.09 -12.69
CA ILE A 75 -2.11 15.95 -12.68
C ILE A 75 -2.49 14.81 -11.75
N MET A 76 -1.56 13.88 -11.55
CA MET A 76 -1.84 12.75 -10.69
C MET A 76 -2.10 13.21 -9.26
N PHE A 77 -1.47 14.30 -8.83
CA PHE A 77 -1.69 14.82 -7.49
C PHE A 77 -3.17 15.20 -7.34
N THR A 78 -3.71 15.85 -8.37
CA THR A 78 -5.11 16.27 -8.37
C THR A 78 -6.04 15.04 -8.42
N LYS A 79 -5.78 14.13 -9.35
CA LYS A 79 -6.58 12.92 -9.46
C LYS A 79 -6.61 12.17 -8.14
N VAL A 80 -5.45 12.03 -7.51
CA VAL A 80 -5.36 11.33 -6.23
C VAL A 80 -6.09 12.10 -5.14
N ALA A 81 -5.99 13.41 -5.15
CA ALA A 81 -6.64 14.23 -4.16
C ALA A 81 -8.14 14.06 -4.29
N MET A 82 -8.65 14.12 -5.52
CA MET A 82 -10.07 13.96 -5.76
C MET A 82 -10.57 12.59 -5.32
N LEU A 83 -9.75 11.55 -5.49
CA LEU A 83 -10.12 10.20 -5.10
C LEU A 83 -10.33 10.14 -3.57
N ILE A 84 -9.41 10.78 -2.85
CA ILE A 84 -9.46 10.84 -1.40
C ILE A 84 -10.68 11.63 -0.96
N CYS A 85 -11.00 12.70 -1.71
CA CYS A 85 -12.13 13.54 -1.37
C CYS A 85 -13.45 12.85 -1.57
N GLU A 86 -13.58 12.14 -2.68
CA GLU A 86 -14.79 11.40 -3.00
C GLU A 86 -15.04 10.34 -1.94
N ALA A 87 -13.96 9.85 -1.33
CA ALA A 87 -14.10 8.84 -0.31
C ALA A 87 -14.53 9.46 1.02
N LEU A 88 -13.78 10.47 1.48
CA LEU A 88 -14.09 11.12 2.74
C LEU A 88 -15.46 11.80 2.73
N ASN A 89 -15.84 12.36 1.59
CA ASN A 89 -17.14 13.02 1.49
C ASN A 89 -18.31 12.07 1.73
N SER A 90 -18.10 10.78 1.48
CA SER A 90 -19.17 9.81 1.65
C SER A 90 -19.20 9.24 3.06
N LEU A 91 -18.43 9.85 3.96
CA LEU A 91 -18.40 9.39 5.33
C LEU A 91 -19.12 10.38 6.25
N LYS A 92 -19.19 11.63 5.82
CA LYS A 92 -19.84 12.65 6.62
C LYS A 92 -19.17 12.76 7.99
N VAL A 93 -17.84 12.86 7.96
CA VAL A 93 -17.03 12.99 9.17
C VAL A 93 -17.58 14.11 10.06
N THR A 94 -17.32 14.01 11.35
CA THR A 94 -17.81 15.00 12.31
C THR A 94 -16.75 15.96 12.85
N GLN A 95 -17.24 17.00 13.51
CA GLN A 95 -16.42 18.06 14.08
C GLN A 95 -15.44 17.56 15.12
N ALA A 96 -15.19 16.26 15.18
CA ALA A 96 -14.27 15.71 16.17
C ALA A 96 -13.31 14.67 15.59
N ASN A 97 -13.56 14.25 14.36
CA ASN A 97 -12.71 13.25 13.73
C ASN A 97 -11.90 13.86 12.61
N VAL A 98 -12.40 14.95 12.06
CA VAL A 98 -11.74 15.66 10.98
C VAL A 98 -10.22 15.61 11.17
N SER A 99 -9.78 15.88 12.39
CA SER A 99 -8.35 15.86 12.69
C SER A 99 -7.76 14.46 12.63
N ASN A 100 -8.34 13.54 13.39
CA ASN A 100 -7.87 12.17 13.43
C ASN A 100 -7.83 11.58 12.02
N VAL A 101 -8.88 11.81 11.25
CA VAL A 101 -8.97 11.27 9.91
C VAL A 101 -7.89 11.79 8.97
N LEU A 102 -7.71 13.10 8.93
CA LEU A 102 -6.71 13.69 8.05
C LEU A 102 -5.26 13.43 8.42
N SER A 103 -4.99 13.22 9.71
CA SER A 103 -3.61 12.97 10.15
C SER A 103 -3.19 11.53 9.86
N ARG A 104 -4.09 10.78 9.25
CA ARG A 104 -3.84 9.38 8.90
C ARG A 104 -2.84 9.29 7.76
N VAL A 105 -1.80 8.47 7.92
CA VAL A 105 -0.81 8.30 6.87
C VAL A 105 -1.26 7.15 5.96
N VAL A 106 -1.28 7.40 4.66
CA VAL A 106 -1.71 6.39 3.68
C VAL A 106 -0.63 6.21 2.63
N SER A 107 -0.72 5.12 1.86
CA SER A 107 0.25 4.86 0.82
C SER A 107 -0.14 5.56 -0.48
N ILE A 108 0.71 6.49 -0.92
CA ILE A 108 0.46 7.24 -2.14
C ILE A 108 0.50 6.31 -3.36
N ARG A 109 1.47 5.41 -3.42
CA ARG A 109 1.55 4.51 -4.54
C ARG A 109 0.28 3.69 -4.67
N HIS A 110 -0.31 3.33 -3.53
CA HIS A 110 -1.56 2.57 -3.53
C HIS A 110 -2.72 3.40 -4.10
N LEU A 111 -2.75 4.70 -3.81
CA LEU A 111 -3.82 5.55 -4.31
C LEU A 111 -3.67 5.82 -5.81
N GLU A 112 -2.46 6.18 -6.24
CA GLU A 112 -2.21 6.43 -7.66
C GLU A 112 -2.54 5.18 -8.45
N ASN A 113 -2.31 4.01 -7.86
CA ASN A 113 -2.61 2.75 -8.52
C ASN A 113 -4.13 2.59 -8.70
N LEU A 114 -4.88 3.13 -7.75
CA LEU A 114 -6.34 3.07 -7.81
C LEU A 114 -6.89 4.04 -8.86
N VAL A 115 -6.16 5.14 -9.08
CA VAL A 115 -6.57 6.11 -10.08
C VAL A 115 -6.41 5.47 -11.45
N ILE A 116 -5.32 4.72 -11.61
CA ILE A 116 -5.07 4.05 -12.89
C ILE A 116 -6.16 3.02 -13.20
N ARG A 117 -6.68 2.39 -12.16
CA ARG A 117 -7.74 1.39 -12.34
C ARG A 117 -9.05 2.11 -12.63
N LYS A 118 -9.31 3.13 -11.83
CA LYS A 118 -10.51 3.94 -11.96
C LYS A 118 -10.71 4.54 -13.36
N GLU A 119 -9.63 4.98 -14.00
CA GLU A 119 -9.73 5.60 -15.32
C GLU A 119 -9.70 4.67 -16.52
N ASN A 120 -9.43 3.38 -16.31
CA ASN A 120 -9.41 2.43 -17.40
C ASN A 120 -10.84 1.92 -17.61
N PRO A 121 -11.44 2.17 -18.79
CA PRO A 121 -12.80 1.69 -19.00
C PRO A 121 -12.97 0.17 -19.05
N GLN A 122 -11.86 -0.56 -19.05
CA GLN A 122 -11.90 -2.03 -19.06
C GLN A 122 -11.91 -2.55 -17.62
N ASP A 123 -11.48 -1.72 -16.68
CA ASP A 123 -11.43 -2.13 -15.28
C ASP A 123 -12.83 -2.00 -14.69
N ILE A 124 -13.20 -2.98 -13.87
CA ILE A 124 -14.53 -2.97 -13.27
C ILE A 124 -14.75 -1.72 -12.41
N LEU A 125 -13.69 -1.17 -11.82
CA LEU A 125 -13.80 0.02 -10.98
C LEU A 125 -14.30 1.22 -11.76
N PHE A 126 -14.03 1.24 -13.06
CA PHE A 126 -14.46 2.32 -13.93
C PHE A 126 -15.98 2.34 -13.97
N HIS A 127 -16.59 1.22 -13.64
CA HIS A 127 -18.03 1.09 -13.69
C HIS A 127 -18.77 0.94 -12.37
N SER A 128 -18.03 0.69 -11.28
CA SER A 128 -18.66 0.55 -9.98
C SER A 128 -18.11 1.54 -8.96
N LYS A 129 -18.89 2.58 -8.68
CA LYS A 129 -18.47 3.59 -7.72
C LYS A 129 -18.53 2.99 -6.34
N ASP A 130 -19.25 1.87 -6.24
CA ASP A 130 -19.37 1.21 -4.96
C ASP A 130 -18.10 0.44 -4.72
N LEU A 131 -17.63 -0.27 -5.74
CA LEU A 131 -16.39 -1.03 -5.63
C LEU A 131 -15.19 -0.10 -5.54
N LEU A 132 -15.24 0.99 -6.30
CA LEU A 132 -14.19 1.99 -6.28
C LEU A 132 -14.08 2.57 -4.87
N LEU A 133 -15.24 2.86 -4.30
CA LEU A 133 -15.35 3.43 -2.96
C LEU A 133 -14.72 2.51 -1.93
N LYS A 134 -15.17 1.26 -1.92
CA LYS A 134 -14.65 0.25 -0.99
C LYS A 134 -13.15 0.08 -1.15
N SER A 135 -12.68 0.10 -2.38
CA SER A 135 -11.25 -0.04 -2.66
C SER A 135 -10.46 1.13 -2.05
N THR A 136 -11.01 2.33 -2.14
CA THR A 136 -10.35 3.52 -1.63
C THR A 136 -10.40 3.61 -0.12
N LEU A 137 -11.56 3.30 0.45
CA LEU A 137 -11.70 3.33 1.91
C LEU A 137 -10.68 2.38 2.54
N ILE A 138 -10.47 1.23 1.94
CA ILE A 138 -9.50 0.29 2.45
C ILE A 138 -8.12 0.97 2.46
N ALA A 139 -7.77 1.57 1.31
CA ALA A 139 -6.49 2.24 1.14
C ALA A 139 -6.26 3.42 2.07
N ILE A 140 -7.30 4.18 2.37
CA ILE A 140 -7.11 5.31 3.26
C ILE A 140 -7.36 4.95 4.72
N GLY A 141 -7.50 3.66 5.00
CA GLY A 141 -7.70 3.20 6.36
C GLY A 141 -9.02 3.53 7.04
N GLN A 142 -10.09 3.65 6.26
CA GLN A 142 -11.42 3.94 6.80
C GLN A 142 -12.33 2.78 6.46
N SER A 143 -11.81 1.57 6.58
CA SER A 143 -12.57 0.37 6.26
C SER A 143 -12.07 -0.84 7.05
N LYS A 144 -12.96 -1.81 7.23
CA LYS A 144 -12.61 -3.02 7.98
C LYS A 144 -12.31 -4.17 7.03
N GLU A 145 -12.76 -4.04 5.78
CA GLU A 145 -12.55 -5.09 4.79
C GLU A 145 -11.10 -5.34 4.44
N ILE A 146 -10.84 -6.53 3.90
CA ILE A 146 -9.50 -6.95 3.49
C ILE A 146 -9.36 -6.84 1.97
N GLU A 147 -8.27 -6.22 1.52
CA GLU A 147 -8.05 -6.07 0.11
C GLU A 147 -7.98 -7.44 -0.55
N THR A 148 -8.80 -7.63 -1.58
CA THR A 148 -8.80 -8.88 -2.33
C THR A 148 -8.60 -8.47 -3.79
N THR A 149 -8.62 -9.43 -4.71
CA THR A 149 -8.43 -9.13 -6.14
C THR A 149 -9.32 -8.01 -6.68
N ILE A 150 -10.62 -8.07 -6.38
CA ILE A 150 -11.56 -7.05 -6.84
C ILE A 150 -11.15 -5.65 -6.41
N THR A 151 -10.77 -5.53 -5.15
CA THR A 151 -10.39 -4.25 -4.54
C THR A 151 -8.92 -3.97 -4.43
N ALA A 152 -8.11 -4.74 -5.15
CA ALA A 152 -6.66 -4.60 -5.12
C ALA A 152 -6.20 -3.27 -5.71
N GLU A 153 -4.95 -2.91 -5.44
CA GLU A 153 -4.42 -1.65 -5.97
C GLU A 153 -4.10 -1.82 -7.45
N GLY A 154 -4.09 -3.06 -7.92
CA GLY A 154 -3.83 -3.32 -9.33
C GLY A 154 -2.39 -3.46 -9.77
N GLY A 155 -2.17 -3.31 -11.07
CA GLY A 155 -0.84 -3.43 -11.64
C GLY A 155 -0.96 -4.33 -12.85
N GLU A 156 0.14 -4.98 -13.23
CA GLU A 156 0.14 -5.88 -14.38
C GLU A 156 -0.03 -7.32 -13.90
N ILE A 157 -1.07 -7.99 -14.38
CA ILE A 157 -1.35 -9.38 -14.00
C ILE A 157 -0.39 -10.37 -14.65
N VAL A 158 0.43 -11.05 -13.84
CA VAL A 158 1.41 -12.00 -14.37
C VAL A 158 1.07 -13.46 -14.09
N PHE A 159 -0.03 -13.70 -13.39
CA PHE A 159 -0.46 -15.04 -13.06
C PHE A 159 -1.85 -15.02 -12.43
N GLN A 160 -2.74 -15.83 -12.97
CA GLN A 160 -4.09 -15.92 -12.42
C GLN A 160 -4.46 -17.36 -12.17
N ASN A 161 -5.11 -17.55 -11.03
CA ASN A 161 -5.51 -18.85 -10.57
C ASN A 161 -6.96 -18.81 -10.12
N ALA A 162 -7.56 -19.97 -9.91
CA ALA A 162 -8.93 -19.99 -9.45
C ALA A 162 -8.96 -19.32 -8.08
N ALA A 163 -7.83 -19.31 -7.40
CA ALA A 163 -7.76 -18.71 -6.07
C ALA A 163 -7.02 -17.38 -5.95
N PHE A 164 -5.94 -17.20 -6.70
CA PHE A 164 -5.20 -15.94 -6.58
C PHE A 164 -4.96 -15.20 -7.89
N THR A 165 -4.51 -13.96 -7.75
CA THR A 165 -4.13 -13.12 -8.88
C THR A 165 -2.83 -12.44 -8.46
N MET A 166 -1.78 -12.63 -9.25
CA MET A 166 -0.46 -12.07 -8.99
C MET A 166 -0.23 -10.84 -9.86
N TRP A 167 0.06 -9.72 -9.21
CA TRP A 167 0.32 -8.46 -9.89
C TRP A 167 1.78 -8.00 -9.77
N LYS A 168 2.26 -7.35 -10.84
CA LYS A 168 3.60 -6.78 -10.86
C LYS A 168 3.36 -5.31 -10.55
N LEU A 169 3.91 -4.83 -9.44
CA LEU A 169 3.73 -3.44 -9.05
C LEU A 169 4.48 -2.48 -10.00
N THR A 170 3.72 -1.56 -10.58
CA THR A 170 4.25 -0.59 -11.54
C THR A 170 4.70 0.73 -10.92
N TYR A 171 5.24 0.67 -9.71
CA TYR A 171 5.70 1.88 -9.02
C TYR A 171 6.74 2.70 -9.78
N LEU A 172 7.64 2.04 -10.52
CA LEU A 172 8.67 2.78 -11.25
C LEU A 172 8.06 3.75 -12.24
N GLU A 173 6.89 3.39 -12.77
CA GLU A 173 6.20 4.23 -13.75
C GLU A 173 5.28 5.31 -13.15
N HIS A 174 5.11 5.32 -11.83
CA HIS A 174 4.23 6.31 -11.21
C HIS A 174 4.63 7.78 -11.39
N GLN A 175 3.63 8.64 -11.54
CA GLN A 175 3.82 10.07 -11.73
C GLN A 175 3.92 10.82 -10.39
N LEU A 176 3.02 10.50 -9.47
CA LEU A 176 2.99 11.17 -8.16
C LEU A 176 4.20 10.87 -7.26
N MET A 177 4.43 9.63 -6.91
CA MET A 177 5.59 9.33 -6.07
C MET A 177 6.16 7.98 -6.41
N PRO A 178 6.82 7.88 -7.58
CA PRO A 178 7.41 6.62 -7.99
C PRO A 178 8.55 6.18 -7.07
N ILE A 179 9.18 5.07 -7.42
CA ILE A 179 10.33 4.59 -6.66
C ILE A 179 11.53 5.06 -7.47
N LEU A 180 12.54 5.60 -6.80
CA LEU A 180 13.71 6.11 -7.50
C LEU A 180 14.72 5.04 -7.87
N ASP A 181 14.80 4.00 -7.04
CA ASP A 181 15.72 2.89 -7.29
C ASP A 181 15.25 2.10 -8.52
N GLN A 182 15.95 2.29 -9.64
CA GLN A 182 15.57 1.63 -10.89
C GLN A 182 15.71 0.11 -10.90
N ASN A 183 16.31 -0.45 -9.87
CA ASN A 183 16.48 -1.90 -9.79
C ASN A 183 15.30 -2.57 -9.07
N PHE A 184 14.28 -1.78 -8.77
CA PHE A 184 13.10 -2.25 -8.05
C PHE A 184 12.15 -3.16 -8.83
N ILE A 185 11.79 -4.30 -8.23
CA ILE A 185 10.85 -5.25 -8.80
C ILE A 185 10.09 -5.82 -7.62
N GLU A 186 8.76 -5.85 -7.70
CA GLU A 186 7.96 -6.37 -6.59
C GLU A 186 6.60 -6.81 -7.09
N TYR A 187 6.07 -7.89 -6.53
CA TYR A 187 4.76 -8.39 -6.93
C TYR A 187 3.85 -8.60 -5.73
N LYS A 188 2.55 -8.53 -5.98
CA LYS A 188 1.56 -8.68 -4.92
C LYS A 188 0.59 -9.77 -5.31
N VAL A 189 0.22 -10.66 -4.38
CA VAL A 189 -0.72 -11.72 -4.68
C VAL A 189 -1.97 -11.56 -3.83
N THR A 190 -3.09 -11.31 -4.46
CA THR A 190 -4.34 -11.14 -3.75
C THR A 190 -5.21 -12.39 -3.83
N LEU A 191 -6.07 -12.57 -2.84
CA LEU A 191 -6.99 -13.70 -2.83
C LEU A 191 -8.21 -13.28 -3.62
N ASN A 192 -8.60 -14.08 -4.61
CA ASN A 192 -9.76 -13.74 -5.42
C ASN A 192 -10.99 -13.71 -4.53
N GLU A 193 -11.10 -14.71 -3.67
CA GLU A 193 -12.21 -14.82 -2.74
C GLU A 193 -11.66 -15.15 -1.37
N ASP A 194 -12.15 -14.46 -0.35
CA ASP A 194 -11.70 -14.71 1.02
C ASP A 194 -12.48 -15.91 1.60
N LYS A 195 -12.22 -17.09 1.02
CA LYS A 195 -12.89 -18.32 1.42
C LYS A 195 -11.88 -19.50 1.45
N PRO A 196 -12.38 -20.74 1.68
CA PRO A 196 -11.47 -21.90 1.72
C PRO A 196 -10.74 -22.17 0.41
N ILE A 197 -9.41 -22.24 0.47
CA ILE A 197 -8.61 -22.49 -0.72
C ILE A 197 -8.03 -23.91 -0.73
N SER A 198 -8.35 -24.64 -1.79
CA SER A 198 -7.89 -26.02 -1.95
C SER A 198 -6.39 -26.13 -2.02
N ASP A 199 -5.90 -27.35 -1.90
CA ASP A 199 -4.48 -27.62 -1.97
C ASP A 199 -3.95 -27.56 -3.39
N VAL A 200 -4.77 -27.99 -4.34
CA VAL A 200 -4.36 -27.99 -5.74
C VAL A 200 -4.15 -26.56 -6.22
N HIS A 201 -4.90 -25.61 -5.66
CA HIS A 201 -4.77 -24.21 -6.06
C HIS A 201 -3.61 -23.51 -5.35
N VAL A 202 -3.18 -24.07 -4.23
CA VAL A 202 -2.06 -23.51 -3.49
C VAL A 202 -0.81 -24.04 -4.18
N LYS A 203 -0.90 -25.30 -4.62
CA LYS A 203 0.18 -25.97 -5.30
C LYS A 203 0.43 -25.32 -6.67
N GLU A 204 -0.64 -24.90 -7.34
CA GLU A 204 -0.48 -24.26 -8.63
C GLU A 204 0.30 -22.97 -8.46
N LEU A 205 0.00 -22.22 -7.41
CA LEU A 205 0.69 -20.95 -7.14
C LEU A 205 2.13 -21.16 -6.68
N VAL A 206 2.32 -22.01 -5.68
CA VAL A 206 3.65 -22.27 -5.17
C VAL A 206 4.56 -22.74 -6.30
N ALA A 207 4.05 -23.54 -7.21
CA ALA A 207 4.88 -24.01 -8.30
C ALA A 207 5.32 -22.84 -9.18
N GLU A 208 4.41 -21.90 -9.43
CA GLU A 208 4.69 -20.75 -10.26
C GLU A 208 5.73 -19.86 -9.57
N LEU A 209 5.64 -19.75 -8.25
CA LEU A 209 6.57 -18.92 -7.50
C LEU A 209 7.99 -19.45 -7.45
N ARG A 210 8.17 -20.77 -7.49
CA ARG A 210 9.50 -21.37 -7.42
C ARG A 210 10.18 -21.37 -8.78
N TRP A 211 9.39 -21.60 -9.82
CA TRP A 211 9.92 -21.65 -11.16
C TRP A 211 10.11 -20.28 -11.77
N GLN A 212 9.09 -19.44 -11.69
CA GLN A 212 9.18 -18.12 -12.29
C GLN A 212 9.83 -17.03 -11.43
N TYR A 213 9.76 -17.16 -10.10
CA TYR A 213 10.33 -16.18 -9.19
C TYR A 213 11.21 -16.80 -8.10
N ASN A 214 12.16 -17.63 -8.50
CA ASN A 214 13.03 -18.31 -7.53
C ASN A 214 13.90 -17.37 -6.70
N LYS A 215 14.23 -16.19 -7.21
CA LYS A 215 15.05 -15.26 -6.44
C LYS A 215 14.21 -14.33 -5.56
N PHE A 216 12.93 -14.68 -5.38
CA PHE A 216 12.02 -13.87 -4.57
C PHE A 216 11.51 -14.59 -3.32
N ALA A 217 11.42 -13.85 -2.23
CA ALA A 217 10.95 -14.40 -0.97
C ALA A 217 9.46 -14.10 -0.81
N VAL A 218 8.67 -15.11 -0.51
CA VAL A 218 7.25 -14.88 -0.34
C VAL A 218 6.95 -14.40 1.08
N ILE A 219 6.67 -13.11 1.23
CA ILE A 219 6.36 -12.57 2.55
C ILE A 219 4.95 -11.96 2.58
N THR A 220 4.64 -11.23 3.64
CA THR A 220 3.33 -10.56 3.79
C THR A 220 3.44 -9.48 4.85
N HIS A 221 2.68 -8.41 4.68
CA HIS A 221 2.68 -7.33 5.66
C HIS A 221 1.50 -7.58 6.60
N GLY A 222 0.87 -8.74 6.43
CA GLY A 222 -0.23 -9.16 7.28
C GLY A 222 -1.62 -8.62 7.08
N LYS A 223 -1.88 -7.96 5.96
CA LYS A 223 -3.21 -7.43 5.76
C LYS A 223 -4.02 -8.27 4.78
N GLY A 224 -3.59 -9.50 4.57
CA GLY A 224 -4.33 -10.38 3.68
C GLY A 224 -3.79 -10.66 2.29
N ALA A 225 -2.57 -10.20 1.97
CA ALA A 225 -2.03 -10.47 0.64
C ALA A 225 -0.55 -10.80 0.71
N TYR A 226 -0.08 -11.60 -0.23
CA TYR A 226 1.33 -11.96 -0.28
C TYR A 226 2.14 -10.88 -1.00
N ARG A 227 3.38 -10.68 -0.57
CA ARG A 227 4.24 -9.69 -1.18
C ARG A 227 5.47 -10.45 -1.65
N ILE A 228 5.73 -10.42 -2.95
CA ILE A 228 6.87 -11.13 -3.55
C ILE A 228 8.01 -10.15 -3.77
N VAL A 229 9.02 -10.23 -2.91
CA VAL A 229 10.15 -9.31 -2.97
C VAL A 229 11.51 -10.00 -3.01
N LYS A 230 12.51 -9.27 -3.51
CA LYS A 230 13.87 -9.79 -3.59
C LYS A 230 14.38 -10.13 -2.19
N TYR A 231 15.09 -11.25 -2.07
CA TYR A 231 15.63 -11.65 -0.79
C TYR A 231 16.50 -10.56 -0.23
N SER A 232 17.15 -9.82 -1.13
CA SER A 232 18.01 -8.73 -0.73
C SER A 232 17.19 -7.54 -0.28
N SER A 233 15.94 -7.78 0.10
CA SER A 233 15.05 -6.71 0.53
C SER A 233 14.19 -7.10 1.70
N VAL A 234 14.29 -8.36 2.13
CA VAL A 234 13.50 -8.88 3.24
C VAL A 234 13.78 -8.11 4.53
N ALA A 235 15.05 -7.75 4.72
CA ALA A 235 15.48 -7.01 5.90
C ALA A 235 14.67 -5.73 6.07
N ASN A 236 14.67 -4.87 5.04
CA ASN A 236 13.94 -3.61 5.09
C ASN A 236 12.46 -3.83 5.37
N HIS A 237 11.92 -4.91 4.83
CA HIS A 237 10.53 -5.23 5.03
C HIS A 237 10.30 -5.63 6.49
N ALA A 238 11.24 -6.39 7.04
CA ALA A 238 11.13 -6.81 8.43
C ALA A 238 11.07 -5.60 9.33
N ASP A 239 11.88 -4.59 9.02
CA ASP A 239 11.92 -3.37 9.83
C ASP A 239 10.60 -2.61 9.76
N ARG A 240 10.13 -2.33 8.55
CA ARG A 240 8.89 -1.59 8.38
C ARG A 240 7.68 -2.27 9.00
N VAL A 241 7.61 -3.60 8.93
CA VAL A 241 6.48 -4.33 9.50
C VAL A 241 6.56 -4.34 11.02
N TYR A 242 7.78 -4.36 11.54
CA TYR A 242 7.97 -4.36 12.99
C TYR A 242 7.56 -2.98 13.51
N ALA A 243 8.20 -1.94 12.98
CA ALA A 243 7.91 -0.57 13.39
C ALA A 243 6.41 -0.36 13.44
N THR A 244 5.72 -0.90 12.44
CA THR A 244 4.27 -0.79 12.35
C THR A 244 3.59 -1.54 13.50
N PHE A 245 4.03 -2.76 13.76
CA PHE A 245 3.46 -3.56 14.84
C PHE A 245 3.67 -2.83 16.17
N LYS A 246 4.86 -2.27 16.34
CA LYS A 246 5.22 -1.53 17.55
C LYS A 246 4.24 -0.42 17.87
N SER A 247 3.47 -0.02 16.88
CA SER A 247 2.50 1.05 17.08
C SER A 247 1.24 0.64 17.82
N ASN A 248 1.40 0.07 19.00
CA ASN A 248 0.24 -0.30 19.80
C ASN A 248 -0.13 0.99 20.54
N VAL A 249 -1.30 1.52 20.22
CA VAL A 249 -1.78 2.76 20.82
C VAL A 249 -3.22 3.00 20.38
N ASN A 255 -5.03 -3.45 15.95
CA ASN A 255 -3.77 -4.03 15.47
C ASN A 255 -3.87 -5.54 15.34
N ASP A 256 -4.18 -6.02 14.14
CA ASP A 256 -4.30 -7.46 13.87
C ASP A 256 -3.28 -7.84 12.78
N PHE A 257 -2.79 -9.08 12.81
CA PHE A 257 -1.81 -9.51 11.81
C PHE A 257 -2.14 -10.90 11.25
N ASN A 258 -2.07 -11.01 9.94
CA ASN A 258 -2.39 -12.27 9.25
C ASN A 258 -1.15 -12.95 8.69
N LEU A 259 -0.69 -14.00 9.36
CA LEU A 259 0.49 -14.74 8.93
C LEU A 259 0.32 -15.41 7.57
N LEU A 260 -0.93 -15.60 7.16
CA LEU A 260 -1.24 -16.24 5.90
C LEU A 260 -0.75 -17.69 5.84
N ASP A 261 -1.07 -18.37 4.75
CA ASP A 261 -0.68 -19.77 4.56
C ASP A 261 0.80 -20.02 4.76
N GLN A 262 1.10 -20.87 5.73
CA GLN A 262 2.45 -21.24 6.10
C GLN A 262 3.19 -22.11 5.09
N ARG A 263 2.47 -22.62 4.09
CA ARG A 263 3.09 -23.46 3.07
C ARG A 263 3.56 -22.58 1.92
N ILE A 264 3.18 -21.31 1.98
CA ILE A 264 3.53 -20.35 0.94
C ILE A 264 4.57 -19.32 1.40
N ILE A 265 4.32 -18.73 2.58
CA ILE A 265 5.24 -17.74 3.15
C ILE A 265 6.61 -18.37 3.36
N TRP A 266 7.67 -17.63 3.03
CA TRP A 266 9.02 -18.14 3.21
C TRP A 266 9.17 -18.57 4.66
N GLN A 267 9.80 -19.72 4.85
CA GLN A 267 10.03 -20.27 6.19
C GLN A 267 10.48 -19.22 7.20
N ASN A 268 11.61 -18.57 6.91
CA ASN A 268 12.14 -17.55 7.82
C ASN A 268 11.18 -16.39 8.10
N TRP A 269 10.44 -15.94 7.08
CA TRP A 269 9.52 -14.85 7.30
C TRP A 269 8.41 -15.28 8.28
N TYR A 270 7.91 -16.50 8.15
CA TYR A 270 6.87 -17.00 9.04
C TYR A 270 7.38 -16.97 10.47
N ALA A 271 8.64 -17.40 10.65
CA ALA A 271 9.24 -17.42 11.98
C ALA A 271 9.35 -16.01 12.51
N PHE A 272 10.00 -15.13 11.74
CA PHE A 272 10.16 -13.73 12.13
C PHE A 272 8.83 -13.10 12.55
N THR A 273 7.78 -13.35 11.77
CA THR A 273 6.46 -12.79 12.05
C THR A 273 5.73 -13.41 13.25
N SER A 274 5.88 -14.73 13.45
CA SER A 274 5.26 -15.39 14.58
C SER A 274 5.93 -14.97 15.87
N SER A 275 7.23 -14.73 15.79
CA SER A 275 7.99 -14.29 16.96
C SER A 275 7.43 -12.91 17.33
N MET A 276 7.07 -12.14 16.31
CA MET A 276 6.53 -10.80 16.48
C MET A 276 5.09 -10.85 17.05
N LYS A 277 4.26 -11.74 16.51
CA LYS A 277 2.90 -11.88 16.99
C LYS A 277 2.85 -12.40 18.43
N GLN A 278 4.00 -12.89 18.92
CA GLN A 278 4.10 -13.42 20.27
C GLN A 278 4.57 -12.32 21.23
N GLY A 279 4.90 -11.17 20.66
CA GLY A 279 5.33 -10.02 21.45
C GLY A 279 6.81 -9.74 21.55
N ASN A 280 7.64 -10.63 21.02
CA ASN A 280 9.07 -10.46 21.10
C ASN A 280 9.68 -9.15 20.64
N THR A 281 10.99 -9.03 20.90
CA THR A 281 11.77 -7.86 20.56
C THR A 281 12.17 -7.88 19.09
N LEU A 282 12.85 -6.84 18.64
CA LEU A 282 13.28 -6.78 17.26
C LEU A 282 14.45 -7.74 17.01
N ASP A 283 15.52 -7.59 17.79
CA ASP A 283 16.68 -8.46 17.64
C ASP A 283 16.31 -9.93 17.72
N VAL A 284 15.43 -10.27 18.65
CA VAL A 284 15.00 -11.67 18.80
C VAL A 284 14.38 -12.14 17.49
N CYS A 285 13.56 -11.29 16.89
CA CYS A 285 12.90 -11.62 15.63
C CYS A 285 13.89 -11.65 14.48
N LYS A 286 14.49 -10.50 14.19
CA LYS A 286 15.46 -10.39 13.10
C LYS A 286 16.41 -11.59 13.08
N ARG A 287 16.84 -12.03 14.25
CA ARG A 287 17.76 -13.17 14.36
C ARG A 287 17.19 -14.37 13.61
N LEU A 288 15.93 -14.71 13.89
CA LEU A 288 15.26 -15.84 13.24
C LEU A 288 15.32 -15.75 11.73
N LEU A 289 15.18 -14.54 11.21
CA LEU A 289 15.18 -14.28 9.78
C LEU A 289 16.49 -14.61 9.08
N PHE A 290 17.60 -14.58 9.81
CA PHE A 290 18.90 -14.85 9.21
C PHE A 290 19.41 -16.29 9.31
N GLN A 291 19.11 -16.97 10.40
CA GLN A 291 19.60 -18.34 10.56
C GLN A 291 19.00 -19.35 9.56
N LYS A 292 19.88 -20.22 9.05
CA LYS A 292 19.47 -21.23 8.09
C LYS A 292 18.66 -22.30 8.81
N MET A 293 17.47 -21.94 9.26
CA MET A 293 16.58 -22.86 9.98
C MET A 293 16.56 -24.28 9.40
N LYS A 294 16.06 -25.22 10.20
CA LYS A 294 15.96 -26.61 9.78
C LYS A 294 14.93 -26.73 8.66
N PRO A 295 15.36 -27.27 7.49
CA PRO A 295 14.46 -27.43 6.34
C PRO A 295 13.17 -28.16 6.64
N GLU A 296 12.06 -27.42 6.66
CA GLU A 296 10.75 -27.99 6.94
C GLU A 296 10.38 -29.02 5.88
N LYS A 297 9.47 -29.93 6.23
CA LYS A 297 9.02 -30.97 5.31
C LYS A 297 8.27 -30.37 4.13
N ASN A 298 8.96 -30.29 2.98
CA ASN A 298 8.38 -29.74 1.76
C ASN A 298 6.96 -30.25 1.58
N PRO A 299 5.97 -29.34 1.59
CA PRO A 299 4.56 -29.68 1.42
C PRO A 299 4.22 -30.24 0.04
N PHE A 300 4.66 -29.54 -1.00
CA PHE A 300 4.43 -29.96 -2.38
C PHE A 300 5.77 -30.24 -3.05
N LYS A 301 6.23 -31.48 -2.93
CA LYS A 301 7.50 -31.88 -3.52
C LYS A 301 7.34 -32.22 -5.00
N GLY A 302 8.39 -31.99 -5.77
CA GLY A 302 8.35 -32.30 -7.19
C GLY A 302 7.90 -31.17 -8.09
N LEU A 303 7.22 -30.18 -7.52
CA LEU A 303 6.73 -29.04 -8.29
C LEU A 303 7.74 -28.56 -9.32
N SER A 304 8.97 -28.38 -8.87
CA SER A 304 10.04 -27.91 -9.74
C SER A 304 10.23 -28.81 -10.96
N THR A 305 10.52 -30.08 -10.72
CA THR A 305 10.75 -31.03 -11.80
C THR A 305 9.60 -31.11 -12.81
N ASP A 306 8.37 -31.07 -12.32
CA ASP A 306 7.21 -31.14 -13.21
C ASP A 306 7.22 -29.97 -14.18
N ARG A 307 7.22 -28.76 -13.66
CA ARG A 307 7.23 -27.58 -14.50
C ARG A 307 8.36 -27.67 -15.51
N LYS A 308 9.53 -28.09 -15.03
CA LYS A 308 10.70 -28.23 -15.88
C LYS A 308 10.41 -29.20 -17.03
N MET A 309 9.81 -30.35 -16.72
CA MET A 309 9.47 -31.33 -17.76
C MET A 309 8.44 -30.83 -18.75
N ASP A 310 7.46 -30.07 -18.26
CA ASP A 310 6.45 -29.53 -19.14
C ASP A 310 7.14 -28.65 -20.16
N GLU A 311 8.04 -27.81 -19.66
CA GLU A 311 8.79 -26.90 -20.51
C GLU A 311 9.41 -27.69 -21.66
N VAL A 312 10.13 -28.75 -21.31
CA VAL A 312 10.78 -29.59 -22.30
C VAL A 312 9.85 -30.18 -23.37
N SER A 313 8.59 -29.73 -23.43
CA SER A 313 7.63 -30.24 -24.41
C SER A 313 6.74 -29.16 -25.04
#